data_9E6Y
#
_entry.id   9E6Y
#
_cell.length_a   79.650
_cell.length_b   79.650
_cell.length_c   81.380
_cell.angle_alpha   90.000
_cell.angle_beta   90.000
_cell.angle_gamma   90.000
#
_symmetry.space_group_name_H-M   'P 43 21 2'
#
loop_
_entity.id
_entity.type
_entity.pdbx_description
1 polymer Nectin-2
2 polymer 'Transmembrane protein PVRIG'
3 non-polymer 1,2-ETHANEDIOL
4 non-polymer 2-acetamido-2-deoxy-beta-D-glucopyranose
5 water water
#
loop_
_entity_poly.entity_id
_entity_poly.type
_entity_poly.pdbx_seq_one_letter_code
_entity_poly.pdbx_strand_id
1 'polypeptide(L)'
;QDVRVQVLPEVRGQLGGTVELPCHLLPPVPGLYISLVTWQRPDAPANHQNVAAFHPKMGPSFPSPKPGSERLSFVSAKQS
TGQDTEAELQDATLALHGLTVEDEGNYTCEFATFPKGSVRGMTWLRVLVPRL
;
D
2 'polypeptide(L)'
;TPEVWVQVRMEATELSSFTIRCGFLGSGSISLVTVSWGGPNGAGGTTLAVLHPERGIRQWAPARQARWETQSSISLILEG
SGASSPCANTTFCCKFASFPEGSWEACGSLPPSSDPGLSAPPTPAPILRADLR
;
A
#
# COMPACT_ATOMS: atom_id res chain seq x y z
N VAL A 3 5.17 -12.84 8.16
CA VAL A 3 3.72 -12.85 8.01
C VAL A 3 3.33 -13.02 6.55
N ARG A 4 2.04 -13.20 6.31
CA ARG A 4 1.54 -13.43 4.96
C ARG A 4 0.12 -12.91 4.85
N VAL A 5 -0.31 -12.66 3.62
CA VAL A 5 -1.69 -12.26 3.33
C VAL A 5 -2.42 -13.49 2.80
N GLN A 6 -3.46 -13.90 3.52
CA GLN A 6 -4.28 -15.05 3.12
C GLN A 6 -5.47 -14.55 2.33
N VAL A 7 -5.53 -14.90 1.04
CA VAL A 7 -6.65 -14.58 0.18
C VAL A 7 -6.97 -15.80 -0.68
N LEU A 8 -8.19 -15.84 -1.19
CA LEU A 8 -8.55 -16.90 -2.11
C LEU A 8 -8.07 -16.57 -3.52
N PRO A 9 -7.58 -17.55 -4.27
CA PRO A 9 -7.16 -17.25 -5.66
C PRO A 9 -8.31 -16.79 -6.54
N GLU A 10 -9.52 -17.29 -6.30
CA GLU A 10 -10.69 -16.91 -7.09
C GLU A 10 -11.91 -16.85 -6.19
N VAL A 11 -12.79 -15.89 -6.47
CA VAL A 11 -14.05 -15.74 -5.75
C VAL A 11 -15.15 -15.61 -6.79
N ARG A 12 -16.22 -16.38 -6.64
CA ARG A 12 -17.32 -16.40 -7.58
C ARG A 12 -18.57 -15.82 -6.93
N GLY A 13 -19.21 -14.89 -7.64
CA GLY A 13 -20.43 -14.27 -7.14
C GLY A 13 -21.44 -14.13 -8.27
N GLN A 14 -22.71 -14.13 -7.88
CA GLN A 14 -23.79 -14.02 -8.86
C GLN A 14 -24.02 -12.57 -9.25
N LEU A 15 -24.42 -12.38 -10.51
CA LEU A 15 -24.72 -11.05 -11.01
C LEU A 15 -25.88 -10.44 -10.21
N GLY A 16 -25.70 -9.18 -9.79
CA GLY A 16 -26.69 -8.52 -8.96
C GLY A 16 -26.70 -8.95 -7.51
N GLY A 17 -25.85 -9.90 -7.13
CA GLY A 17 -25.81 -10.41 -5.77
C GLY A 17 -24.69 -9.80 -4.95
N THR A 18 -24.42 -10.45 -3.82
CA THR A 18 -23.42 -9.98 -2.85
C THR A 18 -22.41 -11.08 -2.61
N VAL A 19 -21.14 -10.71 -2.57
CA VAL A 19 -20.05 -11.66 -2.33
C VAL A 19 -19.00 -11.00 -1.44
N GLU A 20 -18.18 -11.84 -0.82
CA GLU A 20 -17.13 -11.39 0.09
C GLU A 20 -15.76 -11.81 -0.43
N LEU A 21 -14.81 -10.89 -0.38
CA LEU A 21 -13.42 -11.18 -0.75
C LEU A 21 -12.60 -11.35 0.52
N PRO A 22 -12.30 -12.58 0.94
CA PRO A 22 -11.55 -12.75 2.19
C PRO A 22 -10.13 -12.22 2.08
N CYS A 23 -9.66 -11.63 3.17
CA CYS A 23 -8.28 -11.16 3.25
C CYS A 23 -7.89 -11.07 4.72
N HIS A 24 -6.82 -11.76 5.10
CA HIS A 24 -6.36 -11.78 6.48
C HIS A 24 -4.85 -11.66 6.52
N LEU A 25 -4.35 -10.95 7.53
CA LEU A 25 -2.91 -10.87 7.81
C LEU A 25 -2.61 -11.84 8.94
N LEU A 26 -2.02 -12.99 8.59
CA LEU A 26 -1.75 -14.05 9.53
C LEU A 26 -0.26 -14.39 9.56
N PRO A 27 0.27 -14.84 10.71
CA PRO A 27 -0.44 -14.98 11.98
C PRO A 27 -0.34 -13.72 12.84
N PRO A 28 -1.13 -13.63 13.90
CA PRO A 28 -1.00 -12.49 14.83
C PRO A 28 0.40 -12.44 15.42
N VAL A 29 1.05 -11.28 15.26
CA VAL A 29 2.41 -11.08 15.72
C VAL A 29 2.42 -9.89 16.67
N PRO A 30 2.80 -10.07 17.94
CA PRO A 30 2.92 -8.92 18.84
C PRO A 30 4.01 -7.97 18.37
N GLY A 31 3.69 -6.68 18.39
CA GLY A 31 4.59 -5.66 17.89
C GLY A 31 4.39 -5.27 16.45
N LEU A 32 3.62 -6.04 15.68
CA LEU A 32 3.32 -5.71 14.30
C LEU A 32 2.07 -4.83 14.26
N TYR A 33 2.22 -3.62 13.75
CA TYR A 33 1.16 -2.62 13.73
C TYR A 33 0.70 -2.41 12.29
N ILE A 34 -0.60 -2.54 12.07
CA ILE A 34 -1.20 -2.33 10.75
C ILE A 34 -1.57 -0.85 10.65
N SER A 35 -0.84 -0.12 9.81
CA SER A 35 -1.05 1.32 9.69
C SER A 35 -2.17 1.66 8.73
N LEU A 36 -2.45 0.80 7.75
CA LEU A 36 -3.47 1.07 6.76
C LEU A 36 -3.76 -0.19 5.97
N VAL A 37 -5.01 -0.34 5.54
CA VAL A 37 -5.43 -1.40 4.65
C VAL A 37 -5.87 -0.77 3.34
N THR A 38 -5.38 -1.30 2.23
CA THR A 38 -5.69 -0.75 0.91
C THR A 38 -6.19 -1.86 -0.01
N TRP A 39 -7.38 -1.68 -0.56
CA TRP A 39 -7.92 -2.54 -1.60
C TRP A 39 -7.79 -1.81 -2.93
N GLN A 40 -7.23 -2.48 -3.92
CA GLN A 40 -7.01 -1.88 -5.23
C GLN A 40 -7.52 -2.78 -6.33
N ARG A 41 -8.00 -2.16 -7.40
CA ARG A 41 -8.22 -2.83 -8.67
C ARG A 41 -7.06 -2.46 -9.57
N PRO A 42 -5.97 -3.24 -9.56
CA PRO A 42 -4.73 -2.80 -10.23
C PRO A 42 -4.86 -2.67 -11.74
N ASP A 43 -5.88 -3.26 -12.35
CA ASP A 43 -6.06 -3.19 -13.78
C ASP A 43 -6.98 -2.07 -14.24
N ALA A 44 -7.62 -1.37 -13.30
CA ALA A 44 -8.48 -0.21 -13.54
C ALA A 44 -7.63 1.06 -13.60
N PRO A 45 -8.06 2.08 -14.37
CA PRO A 45 -7.24 3.30 -14.54
C PRO A 45 -6.75 3.91 -13.24
N ALA A 46 -5.70 4.74 -13.34
CA ALA A 46 -4.99 5.23 -12.15
C ALA A 46 -5.95 5.86 -11.14
N ASN A 47 -6.92 6.64 -11.63
CA ASN A 47 -7.90 7.26 -10.75
C ASN A 47 -8.97 6.29 -10.27
N HIS A 48 -8.94 5.04 -10.72
CA HIS A 48 -9.91 4.04 -10.32
C HIS A 48 -9.28 2.84 -9.62
N GLN A 49 -7.96 2.85 -9.40
CA GLN A 49 -7.31 1.71 -8.75
C GLN A 49 -7.73 1.61 -7.29
N ASN A 50 -7.52 2.67 -6.52
CA ASN A 50 -7.81 2.68 -5.09
C ASN A 50 -9.31 2.74 -4.87
N VAL A 51 -9.92 1.58 -4.60
CA VAL A 51 -11.37 1.51 -4.43
C VAL A 51 -11.79 1.48 -2.97
N ALA A 52 -10.90 1.13 -2.05
CA ALA A 52 -11.25 1.04 -0.64
C ALA A 52 -10.00 1.15 0.20
N ALA A 53 -10.11 1.83 1.35
CA ALA A 53 -9.03 1.94 2.30
C ALA A 53 -9.61 2.04 3.70
N PHE A 54 -8.85 1.59 4.68
CA PHE A 54 -9.28 1.62 6.07
C PHE A 54 -8.16 2.14 6.96
N HIS A 55 -8.46 3.17 7.74
CA HIS A 55 -7.57 3.81 8.70
C HIS A 55 -7.91 3.36 10.12
N PRO A 56 -6.89 3.10 10.95
CA PRO A 56 -7.16 2.58 12.30
C PRO A 56 -8.02 3.51 13.15
N LYS A 57 -7.98 4.81 12.90
CA LYS A 57 -8.75 5.78 13.67
C LYS A 57 -9.94 6.36 12.91
N MET A 58 -9.77 6.69 11.63
CA MET A 58 -10.81 7.40 10.88
C MET A 58 -11.75 6.47 10.13
N GLY A 59 -11.52 5.17 10.13
CA GLY A 59 -12.42 4.24 9.49
C GLY A 59 -12.14 4.07 8.00
N PRO A 60 -13.17 3.70 7.25
CA PRO A 60 -12.98 3.36 5.84
C PRO A 60 -13.17 4.55 4.90
N SER A 61 -12.64 4.38 3.70
CA SER A 61 -12.83 5.34 2.61
C SER A 61 -12.91 4.57 1.30
N PHE A 62 -13.54 5.22 0.31
CA PHE A 62 -13.73 4.62 -1.01
C PHE A 62 -13.52 5.71 -2.04
N PRO A 63 -12.26 5.99 -2.41
CA PRO A 63 -11.99 7.17 -3.23
C PRO A 63 -12.45 7.04 -4.67
N SER A 64 -12.29 5.86 -5.27
CA SER A 64 -12.71 5.67 -6.65
C SER A 64 -14.23 5.62 -6.72
N PRO A 65 -14.85 6.30 -7.70
CA PRO A 65 -16.30 6.19 -7.85
C PRO A 65 -16.76 4.83 -8.37
N LYS A 66 -15.85 4.03 -8.92
CA LYS A 66 -16.18 2.69 -9.42
C LYS A 66 -15.38 1.66 -8.64
N PRO A 67 -16.03 0.72 -7.93
CA PRO A 67 -17.49 0.59 -7.85
C PRO A 67 -18.12 1.59 -6.88
N GLY A 68 -17.29 2.25 -6.07
CA GLY A 68 -17.76 3.27 -5.17
C GLY A 68 -18.26 2.72 -3.83
N SER A 69 -18.51 3.64 -2.90
CA SER A 69 -18.97 3.27 -1.57
C SER A 69 -20.37 2.68 -1.58
N GLU A 70 -21.17 2.99 -2.60
CA GLU A 70 -22.54 2.46 -2.67
C GLU A 70 -22.58 0.95 -2.78
N ARG A 71 -21.49 0.32 -3.23
CA ARG A 71 -21.47 -1.12 -3.45
C ARG A 71 -20.30 -1.81 -2.78
N LEU A 72 -19.52 -1.11 -1.97
CA LEU A 72 -18.39 -1.69 -1.25
C LEU A 72 -18.56 -1.48 0.25
N SER A 73 -18.01 -2.41 1.04
CA SER A 73 -18.08 -2.31 2.48
C SER A 73 -17.05 -3.26 3.09
N PHE A 74 -16.53 -2.88 4.26
CA PHE A 74 -15.63 -3.73 5.03
C PHE A 74 -16.46 -4.61 5.95
N VAL A 75 -16.16 -5.92 5.94
CA VAL A 75 -16.99 -6.87 6.66
C VAL A 75 -16.70 -6.86 8.15
N SER A 76 -15.42 -6.86 8.52
CA SER A 76 -15.03 -7.04 9.91
C SER A 76 -14.02 -6.01 10.42
N ALA A 77 -13.51 -5.13 9.57
CA ALA A 77 -12.55 -4.13 10.02
C ALA A 77 -13.19 -3.17 10.99
N LYS A 78 -12.56 -2.99 12.16
CA LYS A 78 -13.06 -2.13 13.21
C LYS A 78 -12.02 -1.08 13.55
N GLN A 79 -12.42 0.19 13.52
CA GLN A 79 -11.52 1.27 13.91
C GLN A 79 -11.43 1.35 15.43
N SER A 80 -10.38 2.03 15.90
CA SER A 80 -10.17 2.17 17.33
C SER A 80 -11.26 3.03 17.96
N THR A 81 -11.49 2.82 19.25
CA THR A 81 -12.48 3.60 19.98
C THR A 81 -11.83 4.34 21.14
N GLY A 82 -10.74 5.04 20.87
CA GLY A 82 -10.04 5.81 21.87
C GLY A 82 -8.70 5.17 22.22
N GLN A 83 -8.07 5.75 23.25
CA GLN A 83 -6.78 5.23 23.72
C GLN A 83 -6.90 3.89 24.40
N ASP A 84 -8.11 3.42 24.69
CA ASP A 84 -8.29 2.13 25.37
C ASP A 84 -8.21 0.97 24.38
N THR A 85 -9.17 0.89 23.46
CA THR A 85 -9.26 -0.23 22.54
C THR A 85 -8.43 0.02 21.30
N GLU A 86 -7.60 -0.96 20.93
CA GLU A 86 -6.81 -0.88 19.72
C GLU A 86 -7.65 -1.31 18.51
N ALA A 87 -7.35 -0.71 17.36
CA ALA A 87 -8.05 -1.05 16.14
C ALA A 87 -7.75 -2.49 15.72
N GLU A 88 -8.67 -3.08 14.98
CA GLU A 88 -8.55 -4.45 14.49
C GLU A 88 -8.69 -4.43 12.97
N LEU A 89 -7.56 -4.45 12.27
CA LEU A 89 -7.53 -4.40 10.82
C LEU A 89 -7.05 -5.70 10.19
N GLN A 90 -6.76 -6.73 11.00
CA GLN A 90 -6.20 -7.97 10.47
C GLN A 90 -7.16 -8.69 9.53
N ASP A 91 -8.46 -8.53 9.75
CA ASP A 91 -9.48 -9.09 8.86
C ASP A 91 -9.94 -7.98 7.94
N ALA A 92 -9.31 -7.88 6.78
CA ALA A 92 -9.62 -6.85 5.78
C ALA A 92 -10.60 -7.34 4.73
N THR A 93 -11.48 -8.28 5.09
CA THR A 93 -12.42 -8.83 4.12
C THR A 93 -13.34 -7.75 3.57
N LEU A 94 -13.41 -7.67 2.25
CA LEU A 94 -14.22 -6.67 1.55
C LEU A 94 -15.46 -7.34 0.96
N ALA A 95 -16.57 -6.60 0.96
CA ALA A 95 -17.84 -7.09 0.46
C ALA A 95 -18.31 -6.23 -0.70
N LEU A 96 -18.78 -6.89 -1.77
CA LEU A 96 -19.35 -6.21 -2.92
C LEU A 96 -20.85 -6.51 -2.97
N HIS A 97 -21.66 -5.47 -3.15
CA HIS A 97 -23.10 -5.59 -3.21
C HIS A 97 -23.60 -5.14 -4.57
N GLY A 98 -24.63 -5.82 -5.08
CA GLY A 98 -25.15 -5.53 -6.40
C GLY A 98 -24.10 -5.74 -7.48
N LEU A 99 -23.64 -6.98 -7.63
CA LEU A 99 -22.53 -7.26 -8.53
C LEU A 99 -22.92 -6.95 -9.98
N THR A 100 -21.99 -6.31 -10.68
CA THR A 100 -22.12 -6.05 -12.11
C THR A 100 -20.98 -6.74 -12.84
N VAL A 101 -21.11 -6.84 -14.17
CA VAL A 101 -20.04 -7.41 -14.98
C VAL A 101 -18.80 -6.52 -14.95
N GLU A 102 -18.95 -5.25 -14.56
CA GLU A 102 -17.82 -4.34 -14.43
C GLU A 102 -16.93 -4.67 -13.24
N ASP A 103 -17.41 -5.49 -12.30
CA ASP A 103 -16.67 -5.82 -11.10
C ASP A 103 -15.77 -7.03 -11.25
N GLU A 104 -15.87 -7.76 -12.37
CA GLU A 104 -15.03 -8.93 -12.57
C GLU A 104 -13.59 -8.52 -12.83
N GLY A 105 -12.66 -9.22 -12.17
CA GLY A 105 -11.25 -9.00 -12.41
C GLY A 105 -10.46 -9.10 -11.12
N ASN A 106 -9.27 -8.50 -11.15
CA ASN A 106 -8.32 -8.64 -10.06
C ASN A 106 -8.59 -7.62 -8.96
N TYR A 107 -8.47 -8.08 -7.70
CA TYR A 107 -8.52 -7.22 -6.53
C TYR A 107 -7.31 -7.54 -5.67
N THR A 108 -6.59 -6.50 -5.25
CA THR A 108 -5.42 -6.66 -4.39
C THR A 108 -5.72 -6.13 -3.00
N CYS A 109 -5.27 -6.87 -2.00
CA CYS A 109 -5.44 -6.51 -0.58
C CYS A 109 -4.07 -6.32 0.02
N GLU A 110 -3.75 -5.08 0.40
CA GLU A 110 -2.43 -4.72 0.90
C GLU A 110 -2.52 -4.19 2.33
N PHE A 111 -1.59 -4.63 3.16
CA PHE A 111 -1.46 -4.15 4.54
C PHE A 111 -0.19 -3.31 4.63
N ALA A 112 -0.35 -2.04 5.03
CA ALA A 112 0.79 -1.17 5.31
C ALA A 112 1.16 -1.37 6.77
N THR A 113 2.15 -2.23 7.01
CA THR A 113 2.50 -2.65 8.36
C THR A 113 3.81 -2.03 8.82
N PHE A 114 3.89 -1.81 10.13
CA PHE A 114 5.10 -1.38 10.79
C PHE A 114 5.50 -2.45 11.80
N PRO A 115 6.76 -2.92 11.79
CA PRO A 115 7.88 -2.45 10.96
C PRO A 115 8.11 -3.24 9.68
N LYS A 116 7.23 -4.18 9.35
CA LYS A 116 7.52 -5.10 8.25
C LYS A 116 7.42 -4.41 6.90
N GLY A 117 6.37 -3.61 6.69
CA GLY A 117 6.19 -2.90 5.44
C GLY A 117 4.90 -3.30 4.74
N SER A 118 4.95 -3.28 3.41
N SER A 118 4.95 -3.28 3.41
CA SER A 118 3.78 -3.58 2.59
CA SER A 118 3.78 -3.58 2.59
C SER A 118 3.70 -5.09 2.34
C SER A 118 3.70 -5.09 2.34
N VAL A 119 2.57 -5.68 2.68
CA VAL A 119 2.30 -7.09 2.44
C VAL A 119 0.98 -7.19 1.69
N ARG A 120 0.98 -7.86 0.53
CA ARG A 120 -0.15 -7.80 -0.38
C ARG A 120 -0.49 -9.20 -0.91
N GLY A 121 -1.79 -9.41 -1.13
CA GLY A 121 -2.26 -10.58 -1.85
C GLY A 121 -3.28 -10.17 -2.89
N MET A 122 -3.50 -11.07 -3.85
CA MET A 122 -4.36 -10.79 -4.98
C MET A 122 -5.45 -11.87 -5.10
N THR A 123 -6.63 -11.43 -5.55
CA THR A 123 -7.78 -12.30 -5.74
C THR A 123 -8.51 -11.90 -7.01
N TRP A 124 -8.88 -12.88 -7.83
CA TRP A 124 -9.68 -12.65 -9.03
C TRP A 124 -11.15 -12.89 -8.71
N LEU A 125 -11.98 -11.91 -9.00
CA LEU A 125 -13.42 -12.00 -8.77
C LEU A 125 -14.10 -12.40 -10.07
N ARG A 126 -14.84 -13.50 -10.03
CA ARG A 126 -15.57 -14.00 -11.19
C ARG A 126 -17.06 -13.70 -11.02
N VAL A 127 -17.61 -12.91 -11.92
CA VAL A 127 -19.02 -12.57 -11.91
C VAL A 127 -19.77 -13.53 -12.81
N LEU A 128 -20.67 -14.32 -12.24
CA LEU A 128 -21.40 -15.34 -12.97
C LEU A 128 -22.70 -14.75 -13.51
N VAL A 129 -22.86 -14.78 -14.83
CA VAL A 129 -24.05 -14.25 -15.49
C VAL A 129 -25.02 -15.40 -15.73
N PRO A 130 -26.31 -15.22 -15.46
CA PRO A 130 -27.27 -16.32 -15.65
C PRO A 130 -27.29 -16.81 -17.09
N ARG A 131 -27.43 -18.14 -17.23
CA ARG A 131 -27.38 -18.80 -18.54
C ARG A 131 -26.11 -18.42 -19.29
N LEU A 132 -25.01 -18.34 -18.55
CA LEU A 132 -23.75 -17.86 -19.09
C LEU A 132 -22.63 -18.17 -18.11
N THR B 1 -4.94 14.01 -9.88
CA THR B 1 -4.51 12.69 -9.46
C THR B 1 -3.25 12.78 -8.59
N PRO B 2 -3.19 11.96 -7.55
CA PRO B 2 -1.99 11.95 -6.69
C PRO B 2 -0.77 11.49 -7.49
N GLU B 3 0.39 12.02 -7.09
CA GLU B 3 1.64 11.75 -7.80
C GLU B 3 2.75 11.49 -6.79
N VAL B 4 3.58 10.50 -7.09
CA VAL B 4 4.76 10.18 -6.30
C VAL B 4 5.98 10.43 -7.18
N TRP B 5 6.87 11.29 -6.71
CA TRP B 5 8.13 11.56 -7.39
C TRP B 5 9.26 10.84 -6.67
N VAL B 6 10.26 10.42 -7.44
CA VAL B 6 11.44 9.74 -6.91
C VAL B 6 12.67 10.34 -7.57
N GLN B 7 13.67 10.68 -6.76
CA GLN B 7 14.91 11.24 -7.25
C GLN B 7 16.07 10.59 -6.50
N VAL B 8 17.03 10.05 -7.24
CA VAL B 8 18.26 9.50 -6.67
C VAL B 8 19.43 10.22 -7.29
N ARG B 9 20.36 10.68 -6.46
CA ARG B 9 21.46 11.52 -6.91
C ARG B 9 22.70 11.20 -6.09
N MET B 10 23.86 11.55 -6.65
CA MET B 10 25.12 11.56 -5.92
C MET B 10 25.44 13.01 -5.60
N GLU B 11 25.17 13.42 -4.36
CA GLU B 11 25.19 14.82 -3.96
C GLU B 11 26.48 15.22 -3.25
N ALA B 12 27.56 14.48 -3.47
CA ALA B 12 28.85 14.79 -2.86
C ALA B 12 29.95 14.63 -3.90
N THR B 13 30.98 15.47 -3.77
CA THR B 13 32.11 15.40 -4.70
C THR B 13 32.94 14.14 -4.50
N GLU B 14 32.77 13.45 -3.37
CA GLU B 14 33.51 12.21 -3.13
C GLU B 14 32.99 11.06 -3.99
N LEU B 15 31.80 11.20 -4.56
CA LEU B 15 31.24 10.21 -5.48
C LEU B 15 31.10 8.83 -4.83
N SER B 16 30.78 8.81 -3.54
CA SER B 16 30.65 7.57 -2.79
C SER B 16 29.48 7.68 -1.81
N SER B 17 28.33 8.15 -2.30
CA SER B 17 27.16 8.30 -1.44
C SER B 17 25.92 8.38 -2.33
N PHE B 18 25.11 7.31 -2.33
CA PHE B 18 23.83 7.33 -3.01
C PHE B 18 22.79 8.02 -2.13
N THR B 19 22.09 9.00 -2.68
CA THR B 19 21.05 9.73 -1.96
C THR B 19 19.71 9.48 -2.66
N ILE B 20 18.80 8.78 -1.97
CA ILE B 20 17.48 8.48 -2.50
C ILE B 20 16.48 9.47 -1.90
N ARG B 21 15.62 10.04 -2.75
CA ARG B 21 14.62 10.99 -2.32
C ARG B 21 13.30 10.69 -3.00
N CYS B 22 12.20 10.80 -2.26
CA CYS B 22 10.88 10.59 -2.83
C CYS B 22 9.84 11.28 -1.96
N GLY B 23 8.75 11.72 -2.59
CA GLY B 23 7.70 12.42 -1.91
C GLY B 23 6.34 12.10 -2.50
N PHE B 24 5.30 12.52 -1.79
CA PHE B 24 3.92 12.23 -2.17
C PHE B 24 3.14 13.53 -2.26
N LEU B 25 2.62 13.83 -3.45
CA LEU B 25 1.78 15.00 -3.69
C LEU B 25 0.33 14.53 -3.71
N GLY B 26 -0.35 14.63 -2.57
CA GLY B 26 -1.71 14.16 -2.46
C GLY B 26 -2.60 15.05 -1.61
N SER B 27 -3.73 14.51 -1.17
CA SER B 27 -4.72 15.27 -0.41
C SER B 27 -4.87 14.77 1.03
N GLY B 28 -4.04 13.81 1.45
CA GLY B 28 -4.13 13.28 2.80
C GLY B 28 -2.76 13.07 3.40
N SER B 29 -2.75 12.86 4.72
CA SER B 29 -1.51 12.61 5.43
C SER B 29 -1.02 11.18 5.17
N ILE B 30 0.27 10.97 5.37
CA ILE B 30 0.91 9.69 5.10
C ILE B 30 0.76 8.79 6.31
N SER B 31 0.33 7.56 6.09
CA SER B 31 0.28 6.56 7.15
C SER B 31 1.53 5.72 7.22
N LEU B 32 2.22 5.51 6.09
CA LEU B 32 3.42 4.70 6.06
C LEU B 32 4.15 4.94 4.75
N VAL B 33 5.48 4.91 4.80
CA VAL B 33 6.33 4.96 3.63
C VAL B 33 7.20 3.71 3.62
N THR B 34 7.22 3.01 2.49
CA THR B 34 8.06 1.84 2.30
C THR B 34 9.00 2.10 1.14
N VAL B 35 10.30 1.90 1.37
CA VAL B 35 11.34 2.12 0.37
C VAL B 35 12.00 0.78 0.07
N SER B 36 12.15 0.48 -1.22
CA SER B 36 12.75 -0.77 -1.66
C SER B 36 13.70 -0.50 -2.81
N TRP B 37 14.83 -1.20 -2.82
CA TRP B 37 15.77 -1.15 -3.92
C TRP B 37 15.57 -2.38 -4.80
N GLY B 38 15.52 -2.16 -6.11
CA GLY B 38 15.43 -3.24 -7.07
C GLY B 38 14.05 -3.48 -7.65
N GLY B 39 12.99 -3.05 -6.96
CA GLY B 39 11.64 -3.28 -7.45
C GLY B 39 10.58 -2.79 -6.50
N PRO B 40 9.31 -2.99 -6.88
CA PRO B 40 8.20 -2.49 -6.05
C PRO B 40 8.19 -3.12 -4.67
N ASN B 41 7.71 -2.35 -3.70
CA ASN B 41 7.68 -2.81 -2.31
C ASN B 41 6.75 -4.00 -2.15
N GLY B 42 7.26 -5.07 -1.55
CA GLY B 42 6.47 -6.27 -1.37
C GLY B 42 6.09 -6.98 -2.64
N ALA B 43 6.82 -6.74 -3.73
CA ALA B 43 6.48 -7.35 -5.02
C ALA B 43 7.73 -7.55 -5.85
N GLY B 44 8.83 -7.95 -5.21
CA GLY B 44 10.09 -8.24 -5.89
C GLY B 44 11.25 -7.41 -5.38
N GLY B 45 10.98 -6.17 -4.96
CA GLY B 45 12.04 -5.33 -4.45
C GLY B 45 12.49 -5.74 -3.05
N THR B 46 13.73 -5.39 -2.74
CA THR B 46 14.31 -5.69 -1.44
C THR B 46 14.05 -4.50 -0.51
N THR B 47 13.38 -4.78 0.62
CA THR B 47 12.97 -3.71 1.51
C THR B 47 14.18 -2.98 2.07
N LEU B 48 14.18 -1.65 1.93
CA LEU B 48 15.25 -0.79 2.40
C LEU B 48 14.89 0.04 3.62
N ALA B 49 13.67 0.56 3.67
CA ALA B 49 13.27 1.42 4.78
C ALA B 49 11.76 1.40 4.92
N VAL B 50 11.29 1.47 6.17
CA VAL B 50 9.88 1.63 6.49
C VAL B 50 9.76 2.79 7.47
N LEU B 51 8.93 3.77 7.14
CA LEU B 51 8.81 5.00 7.91
C LEU B 51 7.37 5.21 8.34
N HIS B 52 7.16 5.39 9.64
CA HIS B 52 5.86 5.70 10.21
C HIS B 52 5.91 7.07 10.89
N PRO B 53 4.90 7.91 10.70
CA PRO B 53 4.97 9.28 11.22
C PRO B 53 5.04 9.35 12.74
N GLU B 54 4.62 8.31 13.45
CA GLU B 54 4.65 8.31 14.92
C GLU B 54 5.52 7.21 15.50
N ARG B 55 5.48 6.00 14.94
CA ARG B 55 6.20 4.87 15.50
C ARG B 55 7.67 4.85 15.14
N GLY B 56 8.12 5.70 14.23
CA GLY B 56 9.54 5.87 13.96
C GLY B 56 9.95 5.37 12.60
N ILE B 57 11.26 5.17 12.46
CA ILE B 57 11.90 4.82 11.19
C ILE B 57 12.51 3.44 11.32
N ARG B 58 12.36 2.63 10.28
CA ARG B 58 12.95 1.31 10.19
C ARG B 58 13.76 1.22 8.91
N GLN B 59 14.99 0.72 9.00
CA GLN B 59 15.87 0.65 7.85
C GLN B 59 16.68 -0.63 7.88
N TRP B 60 17.11 -1.07 6.69
CA TRP B 60 17.88 -2.30 6.51
C TRP B 60 19.11 -1.99 5.68
N ALA B 61 19.97 -3.00 5.52
CA ALA B 61 21.17 -2.83 4.74
C ALA B 61 20.82 -2.65 3.26
N PRO B 62 21.55 -1.78 2.53
CA PRO B 62 22.63 -0.95 3.04
C PRO B 62 22.24 0.52 3.26
N ALA B 63 21.22 0.77 4.07
CA ALA B 63 20.78 2.13 4.36
C ALA B 63 21.57 2.68 5.53
N ARG B 64 22.43 3.67 5.26
CA ARG B 64 23.16 4.32 6.33
C ARG B 64 22.31 5.35 7.06
N GLN B 65 21.35 5.95 6.37
CA GLN B 65 20.49 6.98 6.97
C GLN B 65 19.15 6.99 6.26
N ALA B 66 18.08 6.94 7.05
CA ALA B 66 16.71 7.08 6.54
C ALA B 66 15.96 8.04 7.45
N ARG B 67 15.37 9.08 6.88
CA ARG B 67 14.78 10.14 7.67
C ARG B 67 13.63 10.78 6.92
N TRP B 68 12.74 11.41 7.67
CA TRP B 68 11.66 12.21 7.08
C TRP B 68 12.20 13.52 6.56
N GLU B 69 11.54 14.06 5.54
CA GLU B 69 11.83 15.39 5.01
C GLU B 69 10.54 16.21 5.01
N THR B 70 10.69 17.49 4.70
CA THR B 70 9.55 18.39 4.71
C THR B 70 8.60 18.07 3.56
N GLN B 71 7.33 18.46 3.75
CA GLN B 71 6.30 18.39 2.72
C GLN B 71 6.12 16.95 2.20
N SER B 72 5.75 16.06 3.12
CA SER B 72 5.39 14.67 2.81
C SER B 72 6.43 14.01 1.90
N SER B 73 7.66 13.95 2.39
CA SER B 73 8.76 13.38 1.63
C SER B 73 9.79 12.81 2.59
N ILE B 74 10.70 11.99 2.06
CA ILE B 74 11.75 11.35 2.84
C ILE B 74 13.04 11.37 2.04
N SER B 75 14.14 11.01 2.70
CA SER B 75 15.44 10.90 2.07
C SER B 75 16.17 9.68 2.62
N LEU B 76 17.08 9.14 1.83
CA LEU B 76 17.78 7.92 2.20
C LEU B 76 19.22 7.99 1.67
N ILE B 77 20.15 7.46 2.46
CA ILE B 77 21.57 7.42 2.11
C ILE B 77 22.03 5.98 2.16
N LEU B 78 22.74 5.54 1.12
CA LEU B 78 23.30 4.19 1.04
C LEU B 78 24.76 4.21 1.48
N GLU B 79 25.23 3.06 1.96
CA GLU B 79 26.63 2.91 2.31
C GLU B 79 27.46 2.62 1.07
N GLY B 80 28.73 3.02 1.12
CA GLY B 80 29.64 2.80 0.01
C GLY B 80 30.08 4.08 -0.67
N PRO B 86 26.46 0.05 -4.36
CA PRO B 86 25.32 0.40 -5.20
C PRO B 86 25.74 0.67 -6.65
N CYS B 87 24.85 0.38 -7.59
CA CYS B 87 25.12 0.56 -9.01
C CYS B 87 24.30 1.71 -9.57
N ALA B 88 24.72 2.20 -10.73
CA ALA B 88 24.04 3.32 -11.38
C ALA B 88 22.75 2.90 -12.08
N ASN B 89 22.59 1.63 -12.40
CA ASN B 89 21.39 1.12 -13.03
C ASN B 89 20.38 0.56 -12.02
N THR B 90 20.63 0.73 -10.73
CA THR B 90 19.74 0.24 -9.70
C THR B 90 18.50 1.13 -9.61
N THR B 91 17.34 0.49 -9.47
CA THR B 91 16.07 1.19 -9.34
C THR B 91 15.64 1.20 -7.86
N PHE B 92 15.12 2.34 -7.43
CA PHE B 92 14.62 2.52 -6.06
C PHE B 92 13.15 2.94 -6.12
N CYS B 93 12.31 2.19 -5.42
CA CYS B 93 10.86 2.40 -5.44
C CYS B 93 10.37 2.90 -4.09
N CYS B 94 9.46 3.86 -4.12
CA CYS B 94 8.86 4.43 -2.91
C CYS B 94 7.35 4.27 -3.00
N LYS B 95 6.76 3.65 -1.98
CA LYS B 95 5.32 3.44 -1.92
C LYS B 95 4.78 4.20 -0.71
N PHE B 96 3.81 5.08 -0.95
CA PHE B 96 3.18 5.87 0.09
C PHE B 96 1.76 5.36 0.32
N ALA B 97 1.47 4.96 1.55
CA ALA B 97 0.13 4.57 1.96
C ALA B 97 -0.51 5.75 2.65
N SER B 98 -1.57 6.30 2.05
CA SER B 98 -2.18 7.53 2.54
C SER B 98 -3.70 7.37 2.60
N PHE B 99 -4.29 7.85 3.70
CA PHE B 99 -5.72 7.96 3.87
C PHE B 99 -6.17 9.38 3.53
N PRO B 100 -7.26 9.54 2.77
CA PRO B 100 -8.17 8.50 2.30
C PRO B 100 -7.92 8.04 0.85
N GLU B 101 -6.84 8.48 0.23
CA GLU B 101 -6.65 8.24 -1.20
C GLU B 101 -6.05 6.88 -1.52
N GLY B 102 -5.48 6.18 -0.55
CA GLY B 102 -4.94 4.85 -0.77
C GLY B 102 -3.43 4.84 -0.91
N SER B 103 -2.94 3.81 -1.60
CA SER B 103 -1.51 3.58 -1.77
C SER B 103 -1.07 3.99 -3.16
N TRP B 104 0.13 4.57 -3.25
CA TRP B 104 0.70 5.03 -4.51
C TRP B 104 2.19 4.80 -4.49
N GLU B 105 2.75 4.39 -5.63
CA GLU B 105 4.14 3.99 -5.72
C GLU B 105 4.75 4.45 -7.03
N ALA B 106 6.01 4.88 -6.97
CA ALA B 106 6.80 5.19 -8.16
C ALA B 106 8.25 4.79 -7.91
N CYS B 107 9.00 4.68 -8.98
CA CYS B 107 10.39 4.24 -8.91
C CYS B 107 11.27 5.19 -9.71
N GLY B 108 12.56 5.21 -9.35
CA GLY B 108 13.52 6.07 -10.02
C GLY B 108 14.91 5.47 -9.97
N SER B 109 15.84 6.14 -10.65
CA SER B 109 17.21 5.66 -10.74
C SER B 109 18.13 6.84 -10.98
N LEU B 110 19.44 6.58 -10.88
CA LEU B 110 20.44 7.60 -11.15
C LEU B 110 20.33 8.08 -12.59
N PRO B 111 20.30 9.39 -12.83
CA PRO B 111 20.23 9.87 -14.22
C PRO B 111 21.56 9.65 -14.91
N PRO B 112 21.56 9.52 -16.24
CA PRO B 112 22.83 9.32 -16.95
C PRO B 112 23.72 10.54 -16.87
N SER B 113 25.02 10.30 -16.84
CA SER B 113 26.01 11.36 -16.75
C SER B 113 26.02 12.22 -18.00
#